data_1RJX
#
_entry.id   1RJX
#
_cell.length_a   158.396
_cell.length_b   158.396
_cell.length_c   158.396
_cell.angle_alpha   90.00
_cell.angle_beta   90.00
_cell.angle_gamma   90.00
#
_symmetry.space_group_name_H-M   'I 4 3 2'
#
loop_
_entity.id
_entity.type
_entity.pdbx_description
1 polymer Plasminogen
2 non-polymer 'SULFATE ION'
3 water water
#
_entity_poly.entity_id   1
_entity_poly.type   'polypeptide(L)'
_entity_poly.pdbx_seq_one_letter_code
;SFDCGKPQVEPKKCPGAVVGGCVAYPHSWPWQVSLRTRFGMHFCGGTLISPEWVLTAAHCLEKSPRPSSYKVILGAHQEV
NLEPHVQEIEVSRLFLEPTRKDIALLKLSSPAVITDKVIPACLPSPNYVVADRTECFITGWGETQGTFGAGLLMEAQLPV
IENKVCNRYEFLNGRVQSTELCAGHLAGGTDSCQGDSGGPLVCFEKDKYILQGVTSWGLGCARPNKPGVYVRVSRFVTWI
EGVMRNN
;
_entity_poly.pdbx_strand_id   B
#
loop_
_chem_comp.id
_chem_comp.type
_chem_comp.name
_chem_comp.formula
SO4 non-polymer 'SULFATE ION' 'O4 S -2'
#
# COMPACT_ATOMS: atom_id res chain seq x y z
N SER A 1 -8.60 18.49 -2.13
CA SER A 1 -7.92 17.99 -0.91
C SER A 1 -8.99 17.58 0.11
N PHE A 2 -10.04 16.91 -0.37
CA PHE A 2 -11.19 16.55 0.49
C PHE A 2 -11.52 15.08 0.71
N ASP A 3 -12.18 14.55 -0.30
CA ASP A 3 -12.67 13.16 -0.30
C ASP A 3 -11.54 12.18 -0.48
N CYS A 4 -11.65 11.11 0.27
CA CYS A 4 -10.65 10.05 0.22
C CYS A 4 -10.61 9.47 -1.20
N GLY A 5 -9.43 9.12 -1.57
CA GLY A 5 -9.28 8.47 -2.85
C GLY A 5 -9.31 9.33 -4.10
N LYS A 6 -9.24 10.64 -3.99
CA LYS A 6 -9.29 11.45 -5.19
C LYS A 6 -8.08 12.34 -5.26
N PRO A 7 -7.09 11.94 -6.04
CA PRO A 7 -5.90 12.79 -6.11
C PRO A 7 -6.22 14.13 -6.78
N GLN A 8 -5.51 15.17 -6.39
CA GLN A 8 -5.67 16.47 -7.02
C GLN A 8 -4.74 16.56 -8.22
N VAL A 9 -3.72 15.71 -8.23
CA VAL A 9 -2.89 15.56 -9.41
C VAL A 9 -3.26 14.19 -9.97
N GLU A 10 -3.78 14.18 -11.20
CA GLU A 10 -4.23 12.93 -11.79
C GLU A 10 -3.07 12.00 -12.07
N PRO A 11 -3.21 10.73 -11.69
CA PRO A 11 -2.19 9.70 -11.92
C PRO A 11 -1.81 9.53 -13.41
N LYS A 12 -0.53 9.26 -13.65
CA LYS A 12 -0.06 8.90 -15.00
C LYS A 12 -0.75 7.63 -15.46
N LYS A 13 -0.95 6.70 -14.54
CA LYS A 13 -1.57 5.43 -14.89
C LYS A 13 -0.76 4.64 -15.90
N CYS A 14 0.45 4.26 -15.47
CA CYS A 14 1.34 3.39 -16.23
C CYS A 14 0.62 2.22 -16.89
N PRO A 15 0.75 2.11 -18.22
CA PRO A 15 0.15 0.96 -18.89
C PRO A 15 0.73 -0.34 -18.35
N GLY A 16 -0.09 -1.39 -18.29
CA GLY A 16 0.41 -2.66 -17.80
C GLY A 16 1.59 -3.23 -18.56
N ALA A 17 1.76 -2.88 -19.84
CA ALA A 17 2.83 -3.48 -20.66
C ALA A 17 4.21 -2.82 -20.59
N VAL A 18 4.39 -1.88 -19.67
CA VAL A 18 5.67 -1.22 -19.46
C VAL A 18 6.51 -2.07 -18.50
N VAL A 19 7.75 -2.36 -18.84
CA VAL A 19 8.58 -3.12 -17.90
C VAL A 19 9.16 -2.18 -16.83
N GLY A 20 9.10 -2.61 -15.58
CA GLY A 20 9.63 -1.77 -14.53
C GLY A 20 8.72 -0.64 -14.09
N GLY A 21 7.58 -0.48 -14.76
CA GLY A 21 6.62 0.53 -14.32
C GLY A 21 7.03 1.94 -14.73
N CYS A 22 6.42 2.93 -14.11
CA CYS A 22 6.65 4.33 -14.48
C CYS A 22 6.90 5.18 -13.25
N VAL A 23 7.56 6.29 -13.48
CA VAL A 23 7.74 7.29 -12.44
C VAL A 23 6.37 7.94 -12.31
N ALA A 24 5.85 8.05 -11.08
CA ALA A 24 4.57 8.74 -10.84
C ALA A 24 4.65 10.25 -11.04
N TYR A 25 3.54 10.87 -11.40
CA TYR A 25 3.45 12.32 -11.40
C TYR A 25 3.45 12.69 -9.91
N PRO A 26 4.28 13.68 -9.52
CA PRO A 26 4.36 14.09 -8.12
C PRO A 26 3.00 14.32 -7.49
N HIS A 27 2.80 13.76 -6.29
CA HIS A 27 1.57 13.95 -5.51
C HIS A 27 0.31 13.37 -6.11
N SER A 28 0.44 12.52 -7.13
CA SER A 28 -0.71 11.85 -7.72
C SER A 28 -1.20 10.61 -6.93
N TRP A 29 -0.44 10.19 -5.93
CA TRP A 29 -0.84 9.12 -5.01
C TRP A 29 -0.64 9.74 -3.64
N PRO A 30 -1.55 10.67 -3.26
CA PRO A 30 -1.46 11.45 -2.02
C PRO A 30 -1.51 10.68 -0.70
N TRP A 31 -1.96 9.43 -0.73
CA TRP A 31 -2.02 8.65 0.51
C TRP A 31 -0.74 7.87 0.72
N GLN A 32 0.22 8.02 -0.19
CA GLN A 32 1.41 7.18 -0.15
C GLN A 32 2.28 7.57 1.00
N VAL A 33 2.64 6.60 1.82
CA VAL A 33 3.45 6.85 2.98
C VAL A 33 4.81 6.24 2.80
N SER A 34 5.81 6.90 3.36
CA SER A 34 7.17 6.38 3.46
C SER A 34 7.43 6.15 4.94
N LEU A 35 7.75 4.91 5.32
CA LEU A 35 8.06 4.57 6.72
C LEU A 35 9.56 4.64 6.95
N ARG A 36 9.96 5.36 7.98
CA ARG A 36 11.37 5.50 8.30
C ARG A 36 11.68 5.28 9.77
N THR A 37 12.94 4.96 10.02
CA THR A 37 13.42 4.83 11.38
C THR A 37 13.65 6.23 11.91
N ARG A 38 13.93 6.36 13.21
CA ARG A 38 14.16 7.68 13.79
C ARG A 38 15.28 8.37 13.01
N PHE A 39 16.29 7.58 12.61
CA PHE A 39 17.40 8.13 11.83
C PHE A 39 17.02 8.50 10.39
N GLY A 40 15.72 8.47 10.09
CA GLY A 40 15.22 8.95 8.81
C GLY A 40 15.53 8.12 7.58
N MET A 41 15.56 6.80 7.75
CA MET A 41 15.91 5.93 6.65
C MET A 41 14.65 5.21 6.16
N HIS A 42 14.33 5.36 4.87
CA HIS A 42 13.13 4.74 4.28
C HIS A 42 13.33 3.22 4.21
N PHE A 43 12.39 2.46 4.75
CA PHE A 43 12.50 1.00 4.70
C PHE A 43 11.14 0.32 4.46
N CYS A 44 10.08 1.10 4.36
CA CYS A 44 8.76 0.52 4.13
C CYS A 44 7.80 1.57 3.61
N GLY A 45 6.64 1.09 3.17
CA GLY A 45 5.60 1.97 2.67
C GLY A 45 4.41 1.80 3.55
N GLY A 46 3.32 2.48 3.22
CA GLY A 46 2.13 2.45 4.04
C GLY A 46 1.13 3.31 3.31
N THR A 47 -0.11 3.31 3.78
CA THR A 47 -1.19 4.08 3.17
C THR A 47 -1.90 4.91 4.24
N LEU A 48 -2.06 6.20 3.96
CA LEU A 48 -2.79 7.09 4.86
C LEU A 48 -4.27 6.77 4.65
N ILE A 49 -4.98 6.39 5.72
CA ILE A 49 -6.40 6.07 5.57
C ILE A 49 -7.26 7.01 6.40
N SER A 50 -6.60 7.89 7.17
CA SER A 50 -7.24 8.91 7.99
C SER A 50 -6.17 9.90 8.37
N PRO A 51 -6.56 11.13 8.76
CA PRO A 51 -5.50 12.08 9.12
C PRO A 51 -4.58 11.56 10.22
N GLU A 52 -5.11 10.69 11.07
CA GLU A 52 -4.30 10.16 12.18
C GLU A 52 -3.92 8.70 12.04
N TRP A 53 -4.30 8.06 10.94
CA TRP A 53 -4.05 6.62 10.78
C TRP A 53 -3.37 6.17 9.49
N VAL A 54 -2.36 5.33 9.65
CA VAL A 54 -1.61 4.77 8.53
C VAL A 54 -1.69 3.24 8.58
N LEU A 55 -2.07 2.62 7.46
CA LEU A 55 -2.12 1.18 7.40
C LEU A 55 -0.88 0.66 6.67
N THR A 56 -0.17 -0.28 7.30
CA THR A 56 1.04 -0.83 6.71
C THR A 56 1.09 -2.36 6.97
N ALA A 57 2.23 -2.99 6.71
CA ALA A 57 2.41 -4.43 6.91
C ALA A 57 3.04 -4.67 8.27
N ALA A 58 2.56 -5.68 8.99
CA ALA A 58 3.12 -6.00 10.30
C ALA A 58 4.62 -6.30 10.23
N HIS A 59 5.07 -6.89 9.13
CA HIS A 59 6.48 -7.23 8.95
C HIS A 59 7.37 -6.01 8.99
N CYS A 60 6.83 -4.86 8.60
CA CYS A 60 7.61 -3.63 8.69
C CYS A 60 7.99 -3.29 10.14
N LEU A 61 7.24 -3.81 11.10
CA LEU A 61 7.42 -3.47 12.50
C LEU A 61 8.23 -4.49 13.26
N GLU A 62 8.88 -5.40 12.54
CA GLU A 62 9.56 -6.49 13.22
C GLU A 62 10.76 -6.07 14.03
N LYS A 63 11.43 -5.00 13.61
CA LYS A 63 12.68 -4.63 14.27
C LYS A 63 12.50 -3.84 15.57
N SER A 64 11.26 -3.49 15.91
CA SER A 64 10.99 -2.74 17.13
C SER A 64 9.52 -2.63 17.52
N PRO A 65 9.22 -2.83 18.82
CA PRO A 65 7.86 -2.75 19.38
C PRO A 65 7.56 -1.34 19.91
N ARG A 66 8.58 -0.50 19.92
CA ARG A 66 8.47 0.87 20.46
C ARG A 66 7.97 1.84 19.41
N PRO A 67 6.70 2.29 19.53
CA PRO A 67 6.12 3.22 18.55
C PRO A 67 6.92 4.47 18.25
N SER A 68 7.82 4.87 19.14
CA SER A 68 8.61 6.06 18.90
C SER A 68 9.76 5.82 17.91
N SER A 69 10.01 4.56 17.58
CA SER A 69 11.09 4.20 16.66
C SER A 69 10.76 4.48 15.19
N TYR A 70 9.51 4.83 14.91
CA TYR A 70 9.05 4.97 13.54
C TYR A 70 8.61 6.40 13.17
N LYS A 71 8.96 6.82 11.97
CA LYS A 71 8.52 8.12 11.44
C LYS A 71 7.78 7.89 10.15
N VAL A 72 6.69 8.65 10.00
CA VAL A 72 5.84 8.58 8.82
C VAL A 72 6.02 9.82 7.92
N ILE A 73 6.55 9.61 6.73
CA ILE A 73 6.76 10.69 5.77
C ILE A 73 5.62 10.73 4.76
N LEU A 74 4.87 11.84 4.78
CA LEU A 74 3.73 12.07 3.90
C LEU A 74 4.00 13.24 2.95
N GLY A 75 3.44 13.15 1.76
CA GLY A 75 3.58 14.21 0.79
C GLY A 75 4.82 14.07 -0.07
N ALA A 76 5.51 12.95 0.05
CA ALA A 76 6.79 12.83 -0.62
C ALA A 76 6.70 12.38 -2.06
N HIS A 77 7.78 12.63 -2.78
CA HIS A 77 7.97 12.14 -4.11
C HIS A 77 9.38 11.56 -4.24
N GLN A 78 10.37 12.31 -3.78
CA GLN A 78 11.74 11.80 -3.79
C GLN A 78 11.98 10.94 -2.57
N GLU A 79 12.89 9.99 -2.71
CA GLU A 79 13.19 9.07 -1.63
C GLU A 79 14.21 9.68 -0.65
N VAL A 80 15.25 10.33 -1.17
CA VAL A 80 16.27 10.90 -0.31
C VAL A 80 16.07 12.37 0.03
N ASN A 81 16.50 13.27 -0.86
CA ASN A 81 16.42 14.70 -0.55
C ASN A 81 14.96 15.11 -0.45
N LEU A 82 14.41 15.03 0.76
CA LEU A 82 12.99 15.27 0.96
C LEU A 82 12.51 16.66 0.58
N GLU A 83 11.38 16.67 -0.13
CA GLU A 83 10.70 17.90 -0.53
C GLU A 83 10.57 18.85 0.66
N PRO A 84 10.54 20.16 0.38
CA PRO A 84 10.44 21.20 1.42
C PRO A 84 9.26 21.06 2.37
N HIS A 85 8.08 20.80 1.84
CA HIS A 85 6.89 20.78 2.68
C HIS A 85 6.34 19.39 3.03
N VAL A 86 7.21 18.38 2.98
CA VAL A 86 6.88 17.03 3.41
C VAL A 86 6.60 16.95 4.89
N GLN A 87 5.48 16.34 5.25
CA GLN A 87 5.11 16.12 6.65
C GLN A 87 5.82 14.91 7.21
N GLU A 88 6.47 15.08 8.35
CA GLU A 88 7.27 14.04 8.98
C GLU A 88 6.75 13.90 10.40
N ILE A 89 6.12 12.76 10.71
CA ILE A 89 5.42 12.61 11.97
C ILE A 89 5.71 11.31 12.72
N GLU A 90 5.90 11.45 14.02
CA GLU A 90 6.19 10.33 14.88
C GLU A 90 4.95 9.52 15.14
N VAL A 91 5.13 8.21 15.16
CA VAL A 91 4.03 7.32 15.43
C VAL A 91 3.89 7.28 16.93
N SER A 92 2.67 7.35 17.41
CA SER A 92 2.44 7.25 18.82
C SER A 92 2.09 5.80 19.23
N ARG A 93 1.40 5.07 18.37
CA ARG A 93 0.96 3.71 18.71
C ARG A 93 0.90 2.70 17.56
N LEU A 94 1.08 1.42 17.90
CA LEU A 94 1.03 0.32 16.93
C LEU A 94 -0.12 -0.59 17.32
N PHE A 95 -0.91 -1.01 16.33
CA PHE A 95 -1.91 -2.04 16.56
C PHE A 95 -1.74 -3.17 15.53
N LEU A 96 -1.27 -4.33 15.98
CA LEU A 96 -1.06 -5.46 15.11
C LEU A 96 -2.36 -6.22 14.93
N GLU A 97 -2.72 -6.56 13.70
CA GLU A 97 -3.96 -7.27 13.44
C GLU A 97 -3.82 -8.61 14.21
N PRO A 98 -4.88 -9.08 14.88
CA PRO A 98 -4.63 -10.31 15.66
C PRO A 98 -4.79 -11.70 15.03
N THR A 99 -5.66 -11.88 14.04
CA THR A 99 -5.80 -13.22 13.45
C THR A 99 -4.59 -13.61 12.61
N ARG A 100 -4.48 -13.02 11.40
CA ARG A 100 -3.37 -13.29 10.46
C ARG A 100 -2.09 -12.53 10.83
N LYS A 101 -2.25 -11.33 11.37
CA LYS A 101 -1.07 -10.61 11.80
C LYS A 101 -0.18 -10.21 10.61
N ASP A 102 -0.78 -9.86 9.49
CA ASP A 102 0.03 -9.48 8.33
C ASP A 102 0.09 -7.95 8.16
N ILE A 103 -0.89 -7.26 8.72
CA ILE A 103 -0.98 -5.79 8.67
C ILE A 103 -1.04 -5.17 10.05
N ALA A 104 -0.75 -3.87 10.11
CA ALA A 104 -0.76 -3.12 11.34
C ALA A 104 -1.25 -1.70 11.11
N LEU A 105 -1.85 -1.10 12.15
CA LEU A 105 -2.21 0.30 12.11
C LEU A 105 -1.23 1.10 12.97
N LEU A 106 -0.73 2.19 12.39
CA LEU A 106 0.14 3.12 13.09
C LEU A 106 -0.70 4.37 13.37
N LYS A 107 -0.75 4.79 14.63
CA LYS A 107 -1.40 6.06 14.96
C LYS A 107 -0.33 7.15 14.98
N LEU A 108 -0.64 8.29 14.37
CA LEU A 108 0.32 9.38 14.28
C LEU A 108 0.23 10.27 15.53
N SER A 109 1.38 10.64 16.09
CA SER A 109 1.38 11.52 17.25
C SER A 109 0.55 12.78 16.97
N SER A 110 0.83 13.47 15.85
CA SER A 110 0.02 14.62 15.42
C SER A 110 -0.72 14.28 14.11
N PRO A 111 -1.96 14.75 13.92
CA PRO A 111 -2.70 14.46 12.68
C PRO A 111 -1.93 15.02 11.49
N ALA A 112 -2.15 14.42 10.32
CA ALA A 112 -1.53 14.88 9.10
C ALA A 112 -2.34 16.06 8.60
N VAL A 113 -1.68 17.04 8.03
CA VAL A 113 -2.45 18.11 7.44
C VAL A 113 -2.90 17.61 6.09
N ILE A 114 -4.20 17.57 5.89
CA ILE A 114 -4.74 17.17 4.62
C ILE A 114 -4.65 18.35 3.63
N THR A 115 -3.96 18.12 2.52
CA THR A 115 -3.72 19.14 1.52
C THR A 115 -3.93 18.48 0.17
N ASP A 116 -3.62 19.15 -0.92
CA ASP A 116 -3.82 18.46 -2.17
C ASP A 116 -2.64 17.56 -2.49
N LYS A 117 -1.69 17.47 -1.57
CA LYS A 117 -0.54 16.58 -1.75
C LYS A 117 -0.62 15.39 -0.80
N VAL A 118 -1.54 15.49 0.17
CA VAL A 118 -1.69 14.51 1.23
C VAL A 118 -3.19 14.28 1.51
N ILE A 119 -3.70 13.18 0.99
CA ILE A 119 -5.13 12.84 1.05
C ILE A 119 -5.23 11.32 1.29
N PRO A 120 -6.21 10.88 2.11
CA PRO A 120 -6.41 9.46 2.44
C PRO A 120 -6.97 8.63 1.32
N ALA A 121 -6.59 7.36 1.31
CA ALA A 121 -7.19 6.40 0.40
C ALA A 121 -8.51 6.01 1.05
N CYS A 122 -9.49 5.63 0.22
CA CYS A 122 -10.78 5.15 0.69
C CYS A 122 -10.67 3.69 1.06
N LEU A 123 -11.47 3.24 2.02
CA LEU A 123 -11.47 1.85 2.43
C LEU A 123 -12.62 1.15 1.74
N PRO A 124 -12.48 -0.15 1.46
CA PRO A 124 -13.57 -0.84 0.79
C PRO A 124 -14.64 -1.21 1.82
N SER A 125 -15.84 -1.51 1.35
CA SER A 125 -16.85 -2.03 2.24
C SER A 125 -16.35 -3.38 2.69
N PRO A 126 -16.75 -3.81 3.89
CA PRO A 126 -16.38 -5.07 4.52
C PRO A 126 -16.56 -6.29 3.60
N ASN A 127 -15.57 -7.18 3.60
CA ASN A 127 -15.60 -8.44 2.84
C ASN A 127 -15.79 -8.34 1.34
N TYR A 128 -15.68 -7.13 0.82
CA TYR A 128 -15.75 -6.94 -0.62
C TYR A 128 -14.67 -7.81 -1.31
N VAL A 129 -15.00 -8.41 -2.44
CA VAL A 129 -14.06 -9.23 -3.20
C VAL A 129 -13.78 -8.56 -4.56
N VAL A 130 -12.60 -7.96 -4.74
CA VAL A 130 -12.28 -7.36 -6.04
C VAL A 130 -12.34 -8.43 -7.12
N ALA A 131 -13.08 -8.15 -8.19
CA ALA A 131 -13.31 -9.08 -9.28
C ALA A 131 -12.04 -9.47 -10.05
N ASP A 132 -12.06 -10.66 -10.63
CA ASP A 132 -10.96 -11.13 -11.45
C ASP A 132 -10.71 -10.10 -12.56
N ARG A 133 -9.43 -9.87 -12.88
CA ARG A 133 -8.97 -8.95 -13.93
C ARG A 133 -9.22 -7.45 -13.70
N THR A 134 -9.65 -7.05 -12.51
CA THR A 134 -9.75 -5.63 -12.21
C THR A 134 -8.34 -5.03 -12.26
N GLU A 135 -8.18 -3.88 -12.92
CA GLU A 135 -6.88 -3.22 -12.98
C GLU A 135 -6.60 -2.36 -11.76
N CYS A 136 -5.50 -2.62 -11.08
CA CYS A 136 -5.14 -1.81 -9.94
C CYS A 136 -3.73 -1.29 -10.13
N PHE A 137 -3.28 -0.42 -9.21
CA PHE A 137 -1.91 0.05 -9.17
C PHE A 137 -1.26 -0.23 -7.86
N ILE A 138 0.05 -0.48 -7.93
CA ILE A 138 0.85 -0.55 -6.73
C ILE A 138 1.84 0.58 -6.92
N THR A 139 2.13 1.26 -5.81
CA THR A 139 3.02 2.40 -5.82
C THR A 139 4.05 2.25 -4.72
N GLY A 140 5.18 2.91 -4.88
CA GLY A 140 6.17 2.91 -3.82
C GLY A 140 7.55 3.17 -4.36
N TRP A 141 8.55 2.92 -3.54
CA TRP A 141 9.92 3.23 -3.92
C TRP A 141 10.74 1.97 -4.10
N GLY A 142 10.06 0.83 -4.21
CA GLY A 142 10.73 -0.43 -4.46
C GLY A 142 11.65 -0.88 -3.34
N GLU A 143 11.47 -0.32 -2.14
CA GLU A 143 12.33 -0.62 -1.00
C GLU A 143 11.54 -0.77 0.31
N PHE A 148 19.90 -0.78 -5.03
CA PHE A 148 19.44 0.58 -5.31
C PHE A 148 17.91 0.69 -5.09
N GLY A 149 17.46 1.85 -4.63
CA GLY A 149 16.03 2.09 -4.48
C GLY A 149 15.58 2.80 -5.74
N ALA A 150 14.30 3.09 -5.87
CA ALA A 150 13.82 3.75 -7.08
C ALA A 150 14.35 5.19 -7.21
N GLY A 151 14.33 5.93 -6.09
CA GLY A 151 14.78 7.30 -6.07
C GLY A 151 13.58 8.22 -6.10
N LEU A 152 12.70 7.97 -7.06
CA LEU A 152 11.44 8.69 -7.23
C LEU A 152 10.30 7.67 -7.07
N LEU A 153 9.14 8.15 -6.64
CA LEU A 153 7.96 7.31 -6.46
C LEU A 153 7.56 6.65 -7.77
N MET A 154 7.40 5.32 -7.72
CA MET A 154 7.03 4.52 -8.88
C MET A 154 5.61 3.96 -8.76
N GLU A 155 5.06 3.60 -9.92
CA GLU A 155 3.75 2.99 -9.99
C GLU A 155 3.75 1.85 -11.00
N ALA A 156 2.87 0.89 -10.82
CA ALA A 156 2.68 -0.13 -11.85
C ALA A 156 1.24 -0.65 -11.78
N GLN A 157 0.71 -0.92 -12.96
CA GLN A 157 -0.65 -1.38 -13.11
C GLN A 157 -0.65 -2.92 -13.13
N LEU A 158 -1.37 -3.52 -12.20
CA LEU A 158 -1.44 -4.99 -12.09
C LEU A 158 -2.91 -5.45 -12.08
N PRO A 159 -3.24 -6.51 -12.85
CA PRO A 159 -4.61 -7.00 -12.85
C PRO A 159 -4.79 -8.00 -11.67
N VAL A 160 -5.94 -7.95 -11.02
CA VAL A 160 -6.22 -8.92 -9.98
C VAL A 160 -6.45 -10.27 -10.64
N ILE A 161 -6.10 -11.34 -9.91
CA ILE A 161 -6.29 -12.72 -10.33
C ILE A 161 -7.11 -13.41 -9.22
N GLU A 162 -8.34 -13.82 -9.52
CA GLU A 162 -9.14 -14.39 -8.45
C GLU A 162 -8.43 -15.51 -7.70
N ASN A 163 -8.66 -15.59 -6.39
CA ASN A 163 -8.01 -16.59 -5.56
C ASN A 163 -8.18 -18.02 -6.11
N LYS A 164 -9.39 -18.38 -6.55
CA LYS A 164 -9.64 -19.73 -7.08
C LYS A 164 -8.67 -20.09 -8.20
N VAL A 165 -8.33 -19.13 -9.03
CA VAL A 165 -7.41 -19.38 -10.12
C VAL A 165 -5.98 -19.35 -9.65
N CYS A 166 -5.64 -18.33 -8.88
CA CYS A 166 -4.32 -18.19 -8.31
C CYS A 166 -3.90 -19.40 -7.44
N ASN A 167 -4.88 -20.06 -6.83
CA ASN A 167 -4.61 -21.24 -6.00
C ASN A 167 -4.49 -22.53 -6.77
N ARG A 168 -4.69 -22.47 -8.09
CA ARG A 168 -4.58 -23.70 -8.87
C ARG A 168 -3.25 -24.39 -8.63
N TYR A 169 -3.34 -25.70 -8.75
CA TYR A 169 -2.25 -26.62 -8.56
C TYR A 169 -0.95 -26.18 -9.22
N GLU A 170 -1.04 -25.77 -10.49
CA GLU A 170 0.14 -25.42 -11.26
C GLU A 170 0.66 -24.05 -10.92
N PHE A 171 -0.08 -23.30 -10.13
CA PHE A 171 0.34 -21.96 -9.77
C PHE A 171 0.67 -21.89 -8.29
N LEU A 172 -0.11 -21.18 -7.46
CA LEU A 172 0.21 -21.14 -6.03
C LEU A 172 -0.36 -22.28 -5.17
N ASN A 173 -1.22 -23.13 -5.75
CA ASN A 173 -1.48 -24.44 -5.15
C ASN A 173 -2.02 -24.41 -3.69
N GLY A 174 -3.05 -23.61 -3.47
CA GLY A 174 -3.67 -23.58 -2.16
C GLY A 174 -3.06 -22.66 -1.11
N ARG A 175 -1.97 -21.96 -1.44
CA ARG A 175 -1.26 -21.16 -0.44
C ARG A 175 -1.74 -19.71 -0.31
N VAL A 176 -2.79 -19.35 -1.03
CA VAL A 176 -3.30 -17.99 -0.94
C VAL A 176 -4.55 -18.10 -0.10
N GLN A 177 -4.54 -17.43 1.05
CA GLN A 177 -5.68 -17.48 1.96
C GLN A 177 -6.78 -16.57 1.46
N SER A 178 -7.98 -16.82 1.93
CA SER A 178 -9.10 -16.00 1.54
C SER A 178 -8.91 -14.58 2.07
N THR A 179 -8.01 -14.39 3.04
CA THR A 179 -7.74 -13.05 3.55
C THR A 179 -6.59 -12.38 2.80
N GLU A 180 -6.22 -12.98 1.68
CA GLU A 180 -5.23 -12.42 0.76
C GLU A 180 -5.86 -12.39 -0.62
N LEU A 181 -5.22 -11.67 -1.55
CA LEU A 181 -5.64 -11.64 -2.95
C LEU A 181 -4.37 -11.63 -3.80
N CYS A 182 -4.50 -11.99 -5.08
CA CYS A 182 -3.37 -12.04 -5.99
C CYS A 182 -3.53 -11.01 -7.10
N ALA A 183 -2.40 -10.55 -7.62
CA ALA A 183 -2.43 -9.57 -8.70
C ALA A 183 -1.12 -9.71 -9.46
N GLY A 184 -1.22 -9.49 -10.76
CA GLY A 184 -0.07 -9.67 -11.66
C GLY A 184 -0.49 -10.63 -12.76
N HIS A 185 0.44 -11.47 -13.19
CA HIS A 185 0.19 -12.41 -14.27
C HIS A 185 0.57 -13.83 -13.86
N LEU A 186 -0.12 -14.81 -14.39
CA LEU A 186 0.21 -16.19 -14.02
C LEU A 186 1.47 -16.62 -14.75
N ALA A 187 1.46 -16.60 -16.07
CA ALA A 187 2.67 -16.95 -16.79
C ALA A 187 3.03 -15.71 -17.55
N GLY A 188 4.30 -15.54 -17.84
CA GLY A 188 4.71 -14.36 -18.56
C GLY A 188 4.24 -13.12 -17.83
N GLY A 189 4.56 -11.95 -18.38
CA GLY A 189 4.20 -10.70 -17.74
C GLY A 189 5.48 -10.06 -17.25
N THR A 190 5.44 -8.75 -17.06
CA THR A 190 6.61 -8.01 -16.61
C THR A 190 6.79 -8.10 -15.09
N ASP A 191 8.04 -7.97 -14.64
CA ASP A 191 8.33 -7.98 -13.22
C ASP A 191 7.85 -6.65 -12.64
N SER A 192 6.88 -6.74 -11.73
CA SER A 192 6.30 -5.58 -11.08
C SER A 192 6.58 -5.59 -9.58
N CYS A 193 7.73 -5.09 -9.31
CA CYS A 193 8.27 -5.16 -7.97
C CYS A 193 8.49 -3.71 -7.50
N GLN A 194 7.60 -2.79 -7.92
CA GLN A 194 7.70 -1.36 -7.62
C GLN A 194 7.22 -0.92 -6.25
N GLY A 195 6.50 -1.79 -5.56
CA GLY A 195 5.95 -1.40 -4.27
C GLY A 195 6.96 -1.54 -3.16
N ASP A 196 6.64 -1.02 -1.98
CA ASP A 196 7.45 -1.30 -0.80
C ASP A 196 6.62 -2.27 0.04
N SER A 197 7.31 -3.03 0.87
CA SER A 197 6.64 -3.84 1.89
C SER A 197 5.75 -2.83 2.62
N GLY A 198 4.47 -3.15 2.81
CA GLY A 198 3.55 -2.26 3.52
C GLY A 198 2.81 -1.28 2.62
N GLY A 199 3.27 -1.16 1.38
CA GLY A 199 2.63 -0.25 0.46
C GLY A 199 1.26 -0.67 -0.05
N PRO A 200 0.59 0.26 -0.72
CA PRO A 200 -0.75 0.17 -1.29
C PRO A 200 -0.92 -0.56 -2.61
N LEU A 201 -2.08 -1.17 -2.74
CA LEU A 201 -2.59 -1.71 -3.99
C LEU A 201 -3.99 -1.09 -3.97
N VAL A 202 -4.20 -0.06 -4.79
CA VAL A 202 -5.46 0.54 -4.92
C VAL A 202 -6.05 0.22 -6.30
N CYS A 203 -7.37 0.25 -6.33
CA CYS A 203 -8.17 0.00 -7.53
C CYS A 203 -9.26 1.06 -7.65
N PHE A 204 -9.33 1.64 -8.82
CA PHE A 204 -10.29 2.70 -9.15
C PHE A 204 -11.71 2.15 -9.30
N GLU A 205 -12.62 2.75 -8.54
CA GLU A 205 -14.04 2.38 -8.57
C GLU A 205 -14.85 3.61 -9.04
N LYS A 206 -14.95 3.63 -10.36
CA LYS A 206 -15.74 4.56 -11.21
C LYS A 206 -15.46 6.06 -10.95
N ASP A 207 -14.84 6.43 -9.85
CA ASP A 207 -14.60 7.87 -9.61
C ASP A 207 -13.62 8.17 -8.47
N LYS A 208 -13.05 7.13 -7.84
CA LYS A 208 -12.04 7.22 -6.76
C LYS A 208 -11.34 5.88 -6.58
N TYR A 209 -10.18 5.98 -5.95
CA TYR A 209 -9.32 4.82 -5.67
C TYR A 209 -9.55 4.29 -4.27
N ILE A 210 -9.74 2.99 -4.24
CA ILE A 210 -10.00 2.24 -3.00
C ILE A 210 -8.81 1.32 -2.70
N LEU A 211 -8.34 1.42 -1.47
CA LEU A 211 -7.27 0.54 -1.06
C LEU A 211 -7.80 -0.87 -0.90
N GLN A 212 -7.39 -1.78 -1.79
CA GLN A 212 -7.85 -3.15 -1.70
C GLN A 212 -6.79 -4.11 -1.17
N GLY A 213 -5.52 -3.73 -1.29
CA GLY A 213 -4.46 -4.64 -0.89
C GLY A 213 -3.32 -3.94 -0.18
N VAL A 214 -2.62 -4.69 0.68
CA VAL A 214 -1.38 -4.25 1.32
C VAL A 214 -0.30 -5.25 0.91
N THR A 215 0.80 -4.73 0.35
CA THR A 215 1.96 -5.53 -0.08
C THR A 215 2.73 -6.04 1.12
N SER A 216 3.29 -7.24 0.99
CA SER A 216 4.06 -7.87 2.08
C SER A 216 5.36 -8.59 1.63
N TRP A 217 6.50 -8.26 2.26
CA TRP A 217 7.83 -8.86 1.98
C TRP A 217 7.85 -10.38 1.88
N GLY A 218 7.44 -11.02 2.98
CA GLY A 218 7.44 -12.46 3.08
C GLY A 218 6.45 -13.13 2.15
N LEU A 219 5.54 -12.34 1.58
CA LEU A 219 4.67 -12.81 0.52
C LEU A 219 5.44 -12.52 -0.75
N GLY A 220 5.02 -11.56 -1.54
CA GLY A 220 5.88 -11.34 -2.70
C GLY A 220 5.55 -10.15 -3.52
N CYS A 221 6.35 -9.96 -4.56
CA CYS A 221 6.05 -8.93 -5.53
C CYS A 221 5.63 -9.67 -6.81
N ALA A 222 5.01 -8.96 -7.75
CA ALA A 222 4.57 -9.56 -8.99
C ALA A 222 5.77 -9.90 -9.88
N ARG A 223 6.04 -11.18 -10.04
CA ARG A 223 7.17 -11.63 -10.85
C ARG A 223 6.64 -12.27 -12.15
N PRO A 224 7.47 -12.28 -13.20
CA PRO A 224 7.10 -12.85 -14.50
C PRO A 224 6.27 -14.16 -14.51
N ASN A 225 6.63 -15.14 -13.68
CA ASN A 225 5.92 -16.44 -13.65
C ASN A 225 5.26 -16.65 -12.29
N LYS A 226 5.01 -15.55 -11.58
CA LYS A 226 4.32 -15.62 -10.30
C LYS A 226 3.74 -14.26 -9.88
N PRO A 227 2.45 -14.24 -9.55
CA PRO A 227 1.83 -12.98 -9.17
C PRO A 227 2.21 -12.55 -7.76
N GLY A 228 1.91 -11.31 -7.40
CA GLY A 228 2.13 -10.87 -6.04
C GLY A 228 0.93 -11.24 -5.16
N VAL A 229 1.17 -11.39 -3.86
CA VAL A 229 0.11 -11.74 -2.93
C VAL A 229 -0.03 -10.58 -1.97
N TYR A 230 -1.27 -10.11 -1.76
CA TYR A 230 -1.46 -8.90 -0.98
C TYR A 230 -2.45 -9.23 0.13
N VAL A 231 -2.31 -8.58 1.29
CA VAL A 231 -3.32 -8.81 2.33
C VAL A 231 -4.64 -8.21 1.79
N ARG A 232 -5.74 -8.93 1.96
CA ARG A 232 -7.00 -8.44 1.43
C ARG A 232 -7.69 -7.48 2.42
N VAL A 233 -7.51 -6.19 2.18
CA VAL A 233 -7.93 -5.16 3.11
C VAL A 233 -9.41 -5.23 3.50
N SER A 234 -10.28 -5.51 2.54
CA SER A 234 -11.71 -5.60 2.84
C SER A 234 -12.02 -6.55 4.01
N ARG A 235 -11.17 -7.53 4.27
CA ARG A 235 -11.45 -8.47 5.34
C ARG A 235 -11.07 -7.94 6.70
N PHE A 236 -10.49 -6.74 6.74
CA PHE A 236 -10.01 -6.19 8.02
C PHE A 236 -10.57 -4.81 8.28
N VAL A 237 -11.58 -4.44 7.51
CA VAL A 237 -12.17 -3.13 7.60
C VAL A 237 -12.88 -2.86 8.93
N THR A 238 -13.71 -3.81 9.38
CA THR A 238 -14.43 -3.57 10.62
C THR A 238 -13.44 -3.46 11.76
N TRP A 239 -12.39 -4.24 11.71
CA TRP A 239 -11.34 -4.14 12.72
C TRP A 239 -10.66 -2.78 12.67
N ILE A 240 -10.30 -2.36 11.46
CA ILE A 240 -9.61 -1.10 11.27
C ILE A 240 -10.47 0.04 11.81
N GLU A 241 -11.74 0.06 11.45
CA GLU A 241 -12.65 1.10 11.93
C GLU A 241 -12.77 1.06 13.46
N GLY A 242 -12.85 -0.17 13.98
CA GLY A 242 -12.94 -0.35 15.42
C GLY A 242 -11.75 0.23 16.12
N VAL A 243 -10.57 0.01 15.56
CA VAL A 243 -9.39 0.56 16.19
C VAL A 243 -9.44 2.10 16.13
N MET A 244 -9.86 2.63 14.98
CA MET A 244 -9.84 4.07 14.77
C MET A 244 -10.85 4.75 15.68
N ARG A 245 -12.08 4.27 15.69
CA ARG A 245 -13.08 4.95 16.46
C ARG A 245 -12.88 4.78 17.95
N ASN A 246 -12.42 3.62 18.39
CA ASN A 246 -12.27 3.43 19.83
C ASN A 246 -10.91 3.82 20.34
N ASN A 247 -10.07 4.39 19.47
CA ASN A 247 -8.70 4.72 19.87
C ASN A 247 -8.24 6.06 19.36
S SO4 B . -17.47 -1.28 19.19
O1 SO4 B . -17.22 -1.23 20.65
O2 SO4 B . -16.21 -1.50 18.48
O3 SO4 B . -18.08 0.00 18.75
O4 SO4 B . -18.41 -2.39 18.89
S SO4 C . -8.50 -19.03 4.83
O1 SO4 C . -8.33 -19.33 3.40
O2 SO4 C . -9.80 -19.56 5.30
O3 SO4 C . -8.45 -17.57 5.07
O4 SO4 C . -7.41 -19.66 5.61
S SO4 D . -2.55 8.78 21.72
O1 SO4 D . -1.80 9.28 20.56
O2 SO4 D . -3.65 9.71 22.03
O3 SO4 D . -1.66 8.65 22.89
O4 SO4 D . -3.11 7.45 21.40
S SO4 E . -11.59 -17.29 10.34
O1 SO4 E . -10.58 -16.42 10.95
O2 SO4 E . -12.93 -17.00 10.91
O3 SO4 E . -11.23 -18.70 10.57
O4 SO4 E . -11.64 -17.05 8.89
S SO4 F . 6.83 19.46 -4.69
O1 SO4 F . 6.32 19.84 -3.35
O2 SO4 F . 5.80 19.72 -5.73
O3 SO4 F . 7.18 18.02 -4.68
O4 SO4 F . 8.05 20.26 -4.98
S SO4 G . -6.16 -27.39 -9.94
O1 SO4 G . -5.85 -26.85 -8.60
O2 SO4 G . -5.95 -28.85 -9.93
O3 SO4 G . -5.27 -26.78 -10.95
O4 SO4 G . -7.56 -27.10 -10.26
S SO4 H . 5.58 19.31 -9.44
O1 SO4 H . 4.34 18.89 -8.74
O2 SO4 H . 5.98 18.28 -10.41
O3 SO4 H . 6.64 19.50 -8.43
O4 SO4 H . 5.35 20.58 -10.15
S SO4 I . -2.05 -14.24 -16.90
O1 SO4 I . -2.41 -13.99 -15.50
O2 SO4 I . -0.95 -15.20 -16.99
O3 SO4 I . -1.64 -12.96 -17.53
O4 SO4 I . -3.21 -14.79 -17.60
#